data_4O29
#
_entry.id   4O29
#
_cell.length_a   73.720
_cell.length_b   35.670
_cell.length_c   66.290
_cell.angle_alpha   90.000
_cell.angle_beta   100.310
_cell.angle_gamma   90.000
#
_symmetry.space_group_name_H-M   'C 1 2 1'
#
loop_
_entity.id
_entity.type
_entity.pdbx_description
1 polymer 'Protein-L-isoaspartate O-methyltransferase'
2 non-polymer S-ADENOSYL-L-HOMOCYSTEINE
3 water water
#
_entity_poly.entity_id   1
_entity_poly.type   'polypeptide(L)'
_entity_poly.pdbx_seq_one_letter_code
;MALMAKRLVEELERDGIVKSERVKRALLTVPREEFVLPEYRMMAYEDRPLPLFAGATISAPHMVAMMCELIEPRPGMKIL
EVGTGSGYHAAVCAEAIEKKGRIYTIEIVKELAVFAAQNLERLGYWGVVEVYHGDGKKGLEKHAPFDAIIVTAAADVIPP
ALIRQLKDGGVMVIPVEERLGQVLYKVVKRGDKIEKKAITYVMFVPLR
;
_entity_poly.pdbx_strand_id   A
#
# COMPACT_ATOMS: atom_id res chain seq x y z
N ALA A 2 -19.30 -7.85 -7.80
CA ALA A 2 -19.93 -7.34 -6.58
C ALA A 2 -20.04 -8.42 -5.49
N LEU A 3 -20.64 -9.59 -5.82
CA LEU A 3 -20.81 -10.72 -4.90
C LEU A 3 -19.49 -11.31 -4.41
N MET A 4 -18.49 -11.43 -5.31
CA MET A 4 -17.14 -11.92 -4.99
C MET A 4 -16.42 -10.93 -4.07
N ALA A 5 -16.66 -9.61 -4.27
CA ALA A 5 -16.10 -8.53 -3.47
C ALA A 5 -16.77 -8.49 -2.08
N LYS A 6 -18.10 -8.73 -2.04
CA LYS A 6 -18.88 -8.78 -0.80
C LYS A 6 -18.45 -9.95 0.08
N ARG A 7 -18.18 -11.12 -0.55
CA ARG A 7 -17.73 -12.34 0.13
C ARG A 7 -16.29 -12.21 0.65
N LEU A 8 -15.36 -11.66 -0.18
CA LEU A 8 -13.94 -11.46 0.12
C LEU A 8 -13.70 -10.66 1.39
N VAL A 9 -14.27 -9.44 1.48
CA VAL A 9 -14.09 -8.54 2.62
C VAL A 9 -14.76 -9.03 3.90
N GLU A 10 -15.86 -9.82 3.76
CA GLU A 10 -16.56 -10.43 4.89
C GLU A 10 -15.70 -11.58 5.43
N GLU A 11 -15.10 -12.39 4.51
CA GLU A 11 -14.19 -13.50 4.82
C GLU A 11 -12.97 -12.98 5.56
N LEU A 12 -12.49 -11.80 5.14
CA LEU A 12 -11.35 -11.10 5.72
C LEU A 12 -11.68 -10.57 7.12
N GLU A 13 -12.90 -10.02 7.29
CA GLU A 13 -13.43 -9.49 8.56
C GLU A 13 -13.46 -10.56 9.67
N ARG A 14 -13.96 -11.77 9.37
CA ARG A 14 -14.02 -12.88 10.33
C ARG A 14 -12.64 -13.47 10.69
N ASP A 15 -11.66 -13.34 9.77
CA ASP A 15 -10.28 -13.78 9.97
C ASP A 15 -9.57 -12.84 10.93
N GLY A 16 -10.10 -11.61 11.03
CA GLY A 16 -9.57 -10.55 11.88
C GLY A 16 -8.50 -9.75 11.20
N ILE A 17 -8.70 -9.42 9.91
CA ILE A 17 -7.75 -8.65 9.11
C ILE A 17 -8.32 -7.25 8.95
N VAL A 18 -9.57 -7.17 8.46
CA VAL A 18 -10.26 -5.92 8.23
C VAL A 18 -11.08 -5.49 9.44
N LYS A 19 -10.36 -5.12 10.50
CA LYS A 19 -10.94 -4.67 11.77
C LYS A 19 -11.77 -3.39 11.56
N SER A 20 -11.24 -2.46 10.75
CA SER A 20 -11.93 -1.21 10.47
C SER A 20 -12.95 -1.32 9.36
N GLU A 21 -14.11 -0.71 9.62
CA GLU A 21 -15.19 -0.62 8.64
C GLU A 21 -14.72 0.31 7.52
N ARG A 22 -13.99 1.39 7.84
CA ARG A 22 -13.47 2.36 6.88
C ARG A 22 -12.57 1.64 5.87
N VAL A 23 -11.68 0.77 6.37
CA VAL A 23 -10.78 -0.03 5.51
C VAL A 23 -11.60 -0.95 4.60
N LYS A 24 -12.65 -1.58 5.15
CA LYS A 24 -13.52 -2.49 4.42
C LYS A 24 -14.23 -1.80 3.28
N ARG A 25 -14.83 -0.63 3.56
CA ARG A 25 -15.55 0.13 2.54
C ARG A 25 -14.64 0.40 1.34
N ALA A 26 -13.36 0.74 1.61
CA ALA A 26 -12.36 0.98 0.57
C ALA A 26 -12.16 -0.27 -0.26
N LEU A 27 -12.08 -1.43 0.39
CA LEU A 27 -11.88 -2.67 -0.33
C LEU A 27 -13.06 -2.99 -1.22
N LEU A 28 -14.28 -2.83 -0.68
CA LEU A 28 -15.50 -3.07 -1.44
C LEU A 28 -15.59 -2.10 -2.61
N THR A 29 -15.26 -0.84 -2.38
CA THR A 29 -15.33 0.16 -3.44
C THR A 29 -14.32 -0.12 -4.53
N VAL A 30 -13.12 -0.54 -4.13
CA VAL A 30 -12.07 -0.69 -5.11
C VAL A 30 -12.10 -1.94 -5.99
N PRO A 31 -12.26 -1.74 -7.34
CA PRO A 31 -12.21 -2.88 -8.25
C PRO A 31 -10.77 -3.29 -8.56
N ARG A 32 -10.40 -4.48 -8.07
CA ARG A 32 -9.10 -5.09 -8.24
C ARG A 32 -8.93 -5.52 -9.69
N GLU A 33 -10.03 -5.92 -10.34
CA GLU A 33 -10.14 -6.31 -11.75
C GLU A 33 -9.53 -5.23 -12.64
N GLU A 34 -9.73 -3.97 -12.25
CA GLU A 34 -9.20 -2.85 -12.99
C GLU A 34 -7.72 -2.55 -12.76
N PHE A 35 -7.07 -3.26 -11.83
CA PHE A 35 -5.64 -3.10 -11.58
C PHE A 35 -4.86 -4.31 -12.08
N VAL A 36 -5.57 -5.41 -12.30
CA VAL A 36 -4.96 -6.62 -12.83
C VAL A 36 -5.01 -6.54 -14.34
N LEU A 37 -4.14 -7.31 -15.01
CA LEU A 37 -4.11 -7.33 -16.46
C LEU A 37 -5.23 -8.27 -16.95
N PRO A 38 -6.08 -7.77 -17.88
CA PRO A 38 -7.20 -8.55 -18.44
C PRO A 38 -7.39 -10.05 -18.24
N GLU A 39 -6.32 -10.86 -18.35
CA GLU A 39 -6.34 -12.31 -18.16
C GLU A 39 -6.58 -12.74 -16.71
N TYR A 40 -6.03 -11.99 -15.75
CA TYR A 40 -6.19 -12.23 -14.32
C TYR A 40 -7.46 -11.60 -13.76
N ARG A 41 -8.36 -11.11 -14.64
CA ARG A 41 -9.61 -10.49 -14.19
C ARG A 41 -10.52 -11.46 -13.48
N MET A 42 -10.56 -12.71 -13.96
CA MET A 42 -11.37 -13.78 -13.39
C MET A 42 -10.89 -14.07 -11.96
N MET A 43 -9.58 -14.12 -11.74
CA MET A 43 -9.01 -14.41 -10.42
C MET A 43 -8.75 -13.19 -9.54
N ALA A 44 -9.15 -12.00 -9.99
CA ALA A 44 -8.88 -10.76 -9.23
C ALA A 44 -9.43 -10.78 -7.82
N TYR A 45 -10.64 -11.31 -7.64
CA TYR A 45 -11.17 -11.32 -6.30
C TYR A 45 -10.55 -12.36 -5.38
N GLU A 46 -9.82 -13.34 -5.92
CA GLU A 46 -9.12 -14.28 -5.05
C GLU A 46 -8.05 -13.58 -4.24
N ASP A 47 -7.93 -14.02 -2.99
CA ASP A 47 -7.04 -13.46 -1.96
C ASP A 47 -5.57 -13.87 -2.07
N ARG A 48 -5.03 -13.99 -3.29
CA ARG A 48 -3.62 -14.33 -3.50
C ARG A 48 -2.91 -13.30 -4.41
N PRO A 49 -1.58 -13.05 -4.24
CA PRO A 49 -0.90 -12.07 -5.11
C PRO A 49 -0.73 -12.45 -6.59
N LEU A 50 -1.62 -11.93 -7.42
CA LEU A 50 -1.64 -12.19 -8.85
C LEU A 50 -0.39 -11.69 -9.53
N PRO A 51 0.11 -12.41 -10.57
CA PRO A 51 1.33 -11.95 -11.25
C PRO A 51 1.14 -10.70 -12.11
N LEU A 52 2.19 -9.86 -12.17
CA LEU A 52 2.31 -8.63 -12.97
C LEU A 52 3.68 -8.61 -13.68
N PHE A 53 3.76 -7.89 -14.81
CA PHE A 53 5.01 -7.77 -15.58
C PHE A 53 6.06 -7.02 -14.77
N ALA A 54 7.34 -7.43 -14.91
CA ALA A 54 8.56 -6.88 -14.31
C ALA A 54 8.87 -7.21 -12.85
N GLY A 55 8.41 -8.36 -12.39
CA GLY A 55 8.63 -8.81 -11.02
C GLY A 55 7.58 -8.37 -10.02
N ALA A 56 6.75 -7.40 -10.45
CA ALA A 56 5.65 -6.88 -9.64
C ALA A 56 4.59 -7.97 -9.47
N THR A 57 3.82 -7.87 -8.40
CA THR A 57 2.70 -8.73 -8.08
C THR A 57 1.70 -7.86 -7.34
N ILE A 58 0.44 -7.86 -7.80
CA ILE A 58 -0.63 -7.09 -7.15
C ILE A 58 -0.82 -7.72 -5.77
N SER A 59 -0.43 -6.96 -4.74
CA SER A 59 -0.47 -7.42 -3.35
C SER A 59 -1.85 -7.91 -2.97
N ALA A 60 -1.93 -9.13 -2.44
CA ALA A 60 -3.17 -9.80 -2.04
C ALA A 60 -4.10 -8.91 -1.21
N PRO A 61 -5.45 -9.11 -1.31
CA PRO A 61 -6.39 -8.27 -0.52
C PRO A 61 -6.20 -8.34 0.99
N HIS A 62 -5.50 -9.38 1.50
CA HIS A 62 -5.22 -9.45 2.93
C HIS A 62 -4.00 -8.57 3.25
N MET A 63 -2.95 -8.65 2.41
CA MET A 63 -1.72 -7.86 2.53
C MET A 63 -2.03 -6.34 2.55
N VAL A 64 -3.03 -5.93 1.75
CA VAL A 64 -3.46 -4.54 1.55
C VAL A 64 -4.29 -4.04 2.74
N ALA A 65 -5.15 -4.90 3.30
CA ALA A 65 -6.02 -4.55 4.41
C ALA A 65 -5.24 -4.37 5.70
N MET A 66 -4.19 -5.17 5.87
CA MET A 66 -3.27 -5.18 7.01
C MET A 66 -2.51 -3.85 7.08
N MET A 67 -2.01 -3.38 5.93
CA MET A 67 -1.24 -2.14 5.82
C MET A 67 -2.08 -0.89 5.99
N CYS A 68 -3.30 -0.88 5.42
CA CYS A 68 -4.22 0.23 5.56
C CYS A 68 -4.65 0.32 7.02
N GLU A 69 -5.02 -0.82 7.63
CA GLU A 69 -5.41 -0.93 9.03
C GLU A 69 -4.32 -0.37 9.96
N LEU A 70 -3.04 -0.69 9.67
CA LEU A 70 -1.93 -0.25 10.48
C LEU A 70 -1.54 1.21 10.40
N ILE A 71 -1.82 1.88 9.27
CA ILE A 71 -1.51 3.31 9.10
C ILE A 71 -2.56 4.26 9.74
N GLU A 72 -3.64 3.67 10.31
CA GLU A 72 -4.77 4.36 10.95
C GLU A 72 -5.43 5.34 9.97
N PRO A 73 -6.29 4.85 9.04
CA PRO A 73 -6.87 5.75 8.04
C PRO A 73 -7.91 6.73 8.57
N ARG A 74 -7.70 8.02 8.27
CA ARG A 74 -8.60 9.12 8.61
C ARG A 74 -8.58 10.08 7.41
N PRO A 75 -9.57 10.98 7.18
CA PRO A 75 -9.48 11.88 6.01
C PRO A 75 -8.46 13.02 6.16
N GLY A 76 -7.91 13.44 5.02
CA GLY A 76 -6.91 14.51 4.93
C GLY A 76 -5.49 14.04 5.15
N MET A 77 -5.18 12.82 4.74
CA MET A 77 -3.85 12.25 4.92
C MET A 77 -2.99 12.44 3.68
N LYS A 78 -1.73 12.75 3.93
CA LYS A 78 -0.67 12.81 2.94
C LYS A 78 0.02 11.40 3.10
N ILE A 79 -0.05 10.51 2.07
CA ILE A 79 0.50 9.15 2.13
C ILE A 79 1.54 8.88 1.06
N LEU A 80 2.66 8.21 1.42
CA LEU A 80 3.72 7.81 0.51
C LEU A 80 3.74 6.30 0.32
N GLU A 81 3.22 5.84 -0.83
CA GLU A 81 3.26 4.41 -1.10
C GLU A 81 4.53 4.08 -1.86
N VAL A 82 5.38 3.26 -1.24
CA VAL A 82 6.64 2.84 -1.84
C VAL A 82 6.40 1.58 -2.66
N GLY A 83 6.71 1.67 -3.95
CA GLY A 83 6.55 0.55 -4.86
C GLY A 83 5.13 0.41 -5.33
N THR A 84 4.71 1.36 -6.16
CA THR A 84 3.37 1.47 -6.75
C THR A 84 2.86 0.17 -7.36
N GLY A 85 3.63 -0.38 -8.30
CA GLY A 85 3.28 -1.59 -9.04
C GLY A 85 2.03 -1.34 -9.85
N SER A 86 0.94 -2.02 -9.52
CA SER A 86 -0.33 -1.81 -10.22
C SER A 86 -1.00 -0.51 -9.78
N GLY A 87 -0.73 -0.06 -8.56
CA GLY A 87 -1.37 1.11 -7.98
C GLY A 87 -2.68 0.75 -7.31
N TYR A 88 -2.99 -0.57 -7.17
CA TYR A 88 -4.20 -1.04 -6.51
C TYR A 88 -4.23 -0.58 -5.08
N HIS A 89 -3.11 -0.73 -4.34
CA HIS A 89 -3.02 -0.31 -2.95
C HIS A 89 -3.31 1.18 -2.84
N ALA A 90 -2.80 1.98 -3.81
CA ALA A 90 -2.98 3.42 -3.84
C ALA A 90 -4.46 3.86 -3.93
N ALA A 91 -5.27 3.12 -4.68
CA ALA A 91 -6.69 3.43 -4.82
C ALA A 91 -7.42 3.08 -3.54
N VAL A 92 -6.98 2.02 -2.85
CA VAL A 92 -7.56 1.56 -1.59
C VAL A 92 -7.28 2.58 -0.47
N CYS A 93 -6.10 3.20 -0.50
CA CYS A 93 -5.73 4.23 0.47
C CYS A 93 -6.48 5.50 0.15
N ALA A 94 -6.70 5.78 -1.13
CA ALA A 94 -7.46 6.94 -1.54
C ALA A 94 -8.90 6.90 -1.04
N GLU A 95 -9.58 5.73 -1.10
CA GLU A 95 -10.96 5.57 -0.62
C GLU A 95 -11.06 5.60 0.90
N ALA A 96 -9.99 5.09 1.57
CA ALA A 96 -9.85 5.03 3.02
C ALA A 96 -9.78 6.43 3.62
N ILE A 97 -9.18 7.38 2.88
CA ILE A 97 -9.08 8.78 3.27
C ILE A 97 -10.26 9.60 2.69
N GLU A 98 -11.22 8.92 1.99
CA GLU A 98 -12.44 9.47 1.35
C GLU A 98 -12.20 10.49 0.21
N LYS A 99 -10.98 10.44 -0.38
CA LYS A 99 -10.40 11.30 -1.43
C LYS A 99 -9.86 12.65 -0.94
N LYS A 100 -9.96 12.88 0.39
CA LYS A 100 -9.45 14.06 1.08
C LYS A 100 -8.01 13.74 1.48
N GLY A 101 -7.08 14.50 0.92
CA GLY A 101 -5.65 14.31 1.11
C GLY A 101 -4.97 13.93 -0.19
N ARG A 102 -3.88 13.16 -0.09
CA ARG A 102 -3.12 12.79 -1.27
C ARG A 102 -2.27 11.55 -1.06
N ILE A 103 -2.20 10.72 -2.10
CA ILE A 103 -1.44 9.49 -2.14
C ILE A 103 -0.28 9.74 -3.10
N TYR A 104 0.90 9.95 -2.57
CA TYR A 104 2.08 10.10 -3.41
C TYR A 104 2.67 8.69 -3.52
N THR A 105 2.87 8.18 -4.75
CA THR A 105 3.38 6.81 -4.93
C THR A 105 4.54 6.65 -5.91
N ILE A 106 5.70 6.24 -5.37
CA ILE A 106 6.96 6.04 -6.12
C ILE A 106 7.17 4.60 -6.63
N GLU A 107 7.69 4.45 -7.87
CA GLU A 107 7.94 3.17 -8.56
C GLU A 107 9.28 3.18 -9.36
N ILE A 108 10.15 2.21 -9.07
CA ILE A 108 11.45 2.10 -9.73
C ILE A 108 11.32 1.85 -11.23
N VAL A 109 10.34 1.04 -11.63
CA VAL A 109 10.13 0.75 -13.04
C VAL A 109 9.26 1.78 -13.72
N LYS A 110 9.84 2.38 -14.76
CA LYS A 110 9.15 3.37 -15.59
C LYS A 110 7.89 2.75 -16.17
N GLU A 111 8.03 1.55 -16.75
CA GLU A 111 6.92 0.81 -17.35
C GLU A 111 5.81 0.58 -16.34
N LEU A 112 6.18 0.13 -15.15
CA LEU A 112 5.19 -0.11 -14.11
C LEU A 112 4.45 1.16 -13.72
N ALA A 113 5.19 2.26 -13.58
CA ALA A 113 4.57 3.56 -13.24
C ALA A 113 3.56 4.01 -14.29
N VAL A 114 3.85 3.75 -15.59
CA VAL A 114 2.96 4.11 -16.68
C VAL A 114 1.65 3.31 -16.59
N PHE A 115 1.71 2.06 -16.14
CA PHE A 115 0.52 1.21 -15.99
C PHE A 115 -0.32 1.61 -14.78
N ALA A 116 0.35 1.90 -13.63
CA ALA A 116 -0.37 2.30 -12.41
C ALA A 116 -1.11 3.61 -12.61
N ALA A 117 -0.39 4.64 -13.14
CA ALA A 117 -0.96 5.97 -13.43
C ALA A 117 -2.17 5.87 -14.39
N GLN A 118 -2.12 4.92 -15.34
CA GLN A 118 -3.14 4.62 -16.35
C GLN A 118 -4.43 4.13 -15.68
N ASN A 119 -4.30 3.11 -14.80
CA ASN A 119 -5.44 2.55 -14.07
C ASN A 119 -6.05 3.57 -13.12
N LEU A 120 -5.21 4.41 -12.48
CA LEU A 120 -5.64 5.44 -11.54
C LEU A 120 -6.40 6.57 -12.21
N GLU A 121 -6.28 6.68 -13.53
CA GLU A 121 -7.02 7.67 -14.30
C GLU A 121 -8.34 7.09 -14.78
N ARG A 122 -8.38 5.79 -15.13
CA ARG A 122 -9.57 5.06 -15.59
C ARG A 122 -10.72 5.02 -14.58
N LEU A 123 -10.42 5.21 -13.30
CA LEU A 123 -11.39 5.16 -12.22
C LEU A 123 -11.71 6.49 -11.56
N GLY A 124 -10.79 7.45 -11.66
CA GLY A 124 -10.94 8.80 -11.12
C GLY A 124 -10.05 9.15 -9.94
N TYR A 125 -8.93 8.43 -9.78
CA TYR A 125 -8.00 8.66 -8.69
C TYR A 125 -6.90 9.69 -9.00
N TRP A 126 -6.78 10.12 -10.27
CA TRP A 126 -5.81 11.14 -10.69
C TRP A 126 -6.04 12.44 -9.90
N GLY A 127 -4.96 13.04 -9.41
CA GLY A 127 -5.02 14.22 -8.57
C GLY A 127 -4.89 13.74 -7.14
N VAL A 128 -5.87 12.95 -6.67
CA VAL A 128 -5.86 12.35 -5.32
C VAL A 128 -4.61 11.46 -5.19
N VAL A 129 -4.29 10.72 -6.24
CA VAL A 129 -3.11 9.85 -6.31
C VAL A 129 -2.11 10.42 -7.36
N GLU A 130 -0.80 10.45 -7.01
CA GLU A 130 0.28 10.92 -7.88
C GLU A 130 1.35 9.83 -8.02
N VAL A 131 1.80 9.58 -9.26
CA VAL A 131 2.80 8.55 -9.58
C VAL A 131 4.15 9.16 -9.94
N TYR A 132 5.24 8.62 -9.36
CA TYR A 132 6.62 9.05 -9.58
C TYR A 132 7.53 7.90 -9.97
N HIS A 133 8.33 8.10 -11.00
CA HIS A 133 9.28 7.09 -11.42
C HIS A 133 10.58 7.38 -10.68
N GLY A 134 10.91 6.55 -9.69
CA GLY A 134 12.12 6.73 -8.90
C GLY A 134 12.41 5.72 -7.80
N ASP A 135 13.36 6.07 -6.90
CA ASP A 135 13.78 5.19 -5.81
C ASP A 135 12.96 5.26 -4.53
N GLY A 136 12.51 4.09 -4.13
CA GLY A 136 11.75 3.90 -2.90
C GLY A 136 12.54 4.25 -1.67
N LYS A 137 13.84 3.89 -1.64
CA LYS A 137 14.75 4.17 -0.53
C LYS A 137 14.91 5.66 -0.33
N LYS A 138 15.06 6.40 -1.43
CA LYS A 138 15.20 7.86 -1.41
C LYS A 138 13.92 8.50 -0.87
N GLY A 139 12.78 8.07 -1.41
CA GLY A 139 11.48 8.59 -1.03
C GLY A 139 11.18 9.89 -1.74
N LEU A 140 10.09 10.57 -1.32
CA LEU A 140 9.73 11.85 -1.91
C LEU A 140 9.91 13.01 -0.94
N GLU A 141 11.10 13.62 -0.97
CA GLU A 141 11.38 14.78 -0.11
C GLU A 141 10.77 16.09 -0.67
N LYS A 142 10.22 16.03 -1.90
CA LYS A 142 9.56 17.17 -2.56
C LYS A 142 8.20 17.47 -1.88
N HIS A 143 7.55 16.42 -1.29
CA HIS A 143 6.25 16.50 -0.62
C HIS A 143 6.27 16.12 0.86
N ALA A 144 7.39 15.58 1.36
CA ALA A 144 7.54 15.16 2.77
C ALA A 144 7.46 16.34 3.77
N PRO A 145 7.07 16.19 5.06
CA PRO A 145 6.77 14.97 5.84
C PRO A 145 5.42 14.35 5.53
N PHE A 146 5.34 13.03 5.75
CA PHE A 146 4.15 12.23 5.46
C PHE A 146 3.45 11.68 6.71
N ASP A 147 2.10 11.68 6.68
CA ASP A 147 1.23 11.11 7.72
C ASP A 147 1.42 9.58 7.79
N ALA A 148 1.38 8.89 6.64
CA ALA A 148 1.56 7.45 6.53
C ALA A 148 2.50 7.15 5.39
N ILE A 149 3.41 6.20 5.60
CA ILE A 149 4.31 5.69 4.56
C ILE A 149 4.04 4.18 4.49
N ILE A 150 3.65 3.67 3.31
CA ILE A 150 3.42 2.23 3.11
C ILE A 150 4.49 1.65 2.18
N VAL A 151 5.26 0.69 2.68
CA VAL A 151 6.33 0.08 1.90
C VAL A 151 5.82 -1.25 1.32
N THR A 152 5.36 -1.23 0.08
CA THR A 152 4.84 -2.45 -0.54
C THR A 152 5.94 -3.29 -1.20
N ALA A 153 7.10 -3.41 -0.53
CA ALA A 153 8.29 -4.17 -0.93
C ALA A 153 9.12 -4.44 0.32
N ALA A 154 9.90 -5.54 0.34
CA ALA A 154 10.71 -5.97 1.47
C ALA A 154 12.13 -5.38 1.59
N ALA A 155 12.27 -4.43 2.51
CA ALA A 155 13.56 -3.81 2.78
C ALA A 155 14.43 -4.78 3.57
N ASP A 156 15.75 -4.72 3.34
CA ASP A 156 16.73 -5.51 4.09
C ASP A 156 16.84 -4.87 5.48
N VAL A 157 16.98 -3.53 5.52
CA VAL A 157 17.06 -2.68 6.70
C VAL A 157 16.21 -1.45 6.46
N ILE A 158 15.57 -0.94 7.52
CA ILE A 158 14.73 0.23 7.38
C ILE A 158 15.50 1.44 6.82
N PRO A 159 15.10 1.98 5.65
CA PRO A 159 15.80 3.16 5.12
C PRO A 159 15.67 4.37 6.06
N PRO A 160 16.80 4.99 6.48
CA PRO A 160 16.69 6.14 7.40
C PRO A 160 16.02 7.37 6.80
N ALA A 161 16.03 7.46 5.45
CA ALA A 161 15.43 8.52 4.62
C ALA A 161 13.89 8.51 4.65
N LEU A 162 13.29 7.43 5.19
CA LEU A 162 11.83 7.29 5.32
C LEU A 162 11.33 7.53 6.74
N ILE A 163 12.19 7.27 7.75
CA ILE A 163 11.93 7.56 9.16
C ILE A 163 11.93 9.11 9.34
N ARG A 164 12.86 9.79 8.66
CA ARG A 164 13.00 11.24 8.67
C ARG A 164 11.91 11.91 7.83
N GLN A 165 11.39 11.20 6.80
CA GLN A 165 10.32 11.69 5.92
C GLN A 165 8.92 11.42 6.51
N LEU A 166 8.91 10.90 7.74
CA LEU A 166 7.73 10.57 8.52
C LEU A 166 7.49 11.68 9.56
N LYS A 167 6.30 12.28 9.52
CA LYS A 167 5.95 13.35 10.44
C LYS A 167 5.58 12.85 11.83
N ASP A 168 5.63 13.72 12.83
CA ASP A 168 5.33 13.42 14.23
C ASP A 168 3.93 12.80 14.39
N GLY A 169 3.92 11.51 14.72
CA GLY A 169 2.73 10.69 14.89
C GLY A 169 2.51 9.73 13.73
N GLY A 170 3.35 9.88 12.71
CA GLY A 170 3.34 9.12 11.48
C GLY A 170 3.58 7.63 11.61
N VAL A 171 2.89 6.89 10.77
CA VAL A 171 3.01 5.43 10.75
C VAL A 171 3.71 4.99 9.45
N MET A 172 4.57 3.96 9.56
CA MET A 172 5.23 3.35 8.42
C MET A 172 5.15 1.86 8.60
N VAL A 173 4.53 1.21 7.61
CA VAL A 173 4.37 -0.23 7.58
C VAL A 173 5.34 -0.77 6.53
N ILE A 174 6.47 -1.34 7.03
CA ILE A 174 7.59 -1.83 6.24
C ILE A 174 7.91 -3.32 6.46
N PRO A 175 7.78 -4.16 5.42
CA PRO A 175 8.18 -5.57 5.57
C PRO A 175 9.72 -5.68 5.60
N VAL A 176 10.30 -6.19 6.69
CA VAL A 176 11.77 -6.31 6.79
C VAL A 176 12.20 -7.78 6.71
N GLU A 177 13.08 -8.11 5.75
CA GLU A 177 13.56 -9.49 5.59
C GLU A 177 14.53 -9.94 6.67
N GLU A 178 13.97 -10.62 7.67
CA GLU A 178 14.71 -11.15 8.81
C GLU A 178 14.92 -12.67 8.64
N ARG A 179 15.28 -13.37 9.73
CA ARG A 179 15.48 -14.82 9.69
C ARG A 179 14.11 -15.46 9.62
N LEU A 180 14.02 -16.61 8.95
CA LEU A 180 12.79 -17.37 8.76
C LEU A 180 11.71 -16.54 8.04
N GLY A 181 12.14 -15.60 7.20
CA GLY A 181 11.22 -14.78 6.42
C GLY A 181 11.14 -13.31 6.77
N GLN A 182 10.19 -12.62 6.12
CA GLN A 182 9.98 -11.20 6.33
C GLN A 182 8.93 -10.99 7.37
N VAL A 183 9.14 -10.01 8.26
CA VAL A 183 8.22 -9.64 9.33
C VAL A 183 7.61 -8.29 8.97
N LEU A 184 6.28 -8.20 8.98
CA LEU A 184 5.63 -6.91 8.72
C LEU A 184 5.83 -6.05 9.96
N TYR A 185 6.49 -4.90 9.79
CA TYR A 185 6.74 -4.02 10.91
C TYR A 185 5.92 -2.74 10.81
N LYS A 186 5.55 -2.17 11.96
CA LYS A 186 4.86 -0.89 12.07
C LYS A 186 5.81 0.03 12.84
N VAL A 187 6.12 1.23 12.31
CA VAL A 187 7.03 2.20 12.93
C VAL A 187 6.25 3.46 13.27
N VAL A 188 6.29 3.84 14.55
CA VAL A 188 5.57 4.99 15.08
C VAL A 188 6.58 6.04 15.52
N LYS A 189 6.38 7.27 15.08
CA LYS A 189 7.24 8.40 15.39
C LYS A 189 6.66 9.24 16.52
N ARG A 190 7.41 9.36 17.61
CA ARG A 190 7.05 10.13 18.79
C ARG A 190 8.02 11.30 18.89
N GLY A 191 7.80 12.28 18.02
CA GLY A 191 8.62 13.49 17.91
C GLY A 191 10.03 13.21 17.41
N ASP A 192 10.91 12.81 18.33
CA ASP A 192 12.31 12.49 18.09
C ASP A 192 12.62 11.01 18.36
N LYS A 193 11.63 10.28 18.95
CA LYS A 193 11.70 8.87 19.36
C LYS A 193 10.96 7.94 18.38
N ILE A 194 11.55 6.78 18.10
CA ILE A 194 10.98 5.78 17.20
C ILE A 194 10.32 4.66 17.97
N GLU A 195 9.29 4.01 17.40
CA GLU A 195 8.59 2.89 18.01
C GLU A 195 8.43 1.73 17.00
N LYS A 196 9.46 0.88 16.87
CA LYS A 196 9.48 -0.25 15.93
C LYS A 196 8.76 -1.46 16.49
N LYS A 197 7.50 -1.63 16.08
CA LYS A 197 6.61 -2.70 16.51
C LYS A 197 6.44 -3.76 15.41
N ALA A 198 6.44 -5.06 15.78
CA ALA A 198 6.36 -6.22 14.88
C ALA A 198 4.99 -6.93 14.88
N ILE A 199 4.45 -7.17 13.68
CA ILE A 199 3.12 -7.76 13.48
C ILE A 199 3.07 -9.28 13.11
N THR A 200 2.99 -9.61 11.81
CA THR A 200 2.89 -10.98 11.30
C THR A 200 4.03 -11.25 10.30
N TYR A 201 4.28 -12.52 9.97
CA TYR A 201 5.29 -12.91 8.99
C TYR A 201 4.68 -12.76 7.59
N VAL A 202 5.15 -11.77 6.82
CA VAL A 202 4.64 -11.50 5.47
C VAL A 202 5.51 -12.00 4.34
N MET A 203 4.87 -12.26 3.19
CA MET A 203 5.55 -12.65 1.97
C MET A 203 5.43 -11.49 0.99
N PHE A 204 6.54 -10.78 0.75
CA PHE A 204 6.64 -9.61 -0.13
C PHE A 204 7.86 -9.70 -1.02
N VAL A 205 7.77 -9.08 -2.22
CA VAL A 205 8.86 -8.95 -3.21
C VAL A 205 9.92 -8.01 -2.62
N PRO A 206 11.22 -8.28 -2.80
CA PRO A 206 12.23 -7.40 -2.18
C PRO A 206 12.30 -5.99 -2.75
N LEU A 207 12.80 -5.04 -1.94
CA LEU A 207 12.99 -3.65 -2.34
C LEU A 207 14.35 -3.51 -3.01
N ARG A 208 14.41 -2.76 -4.13
CA ARG A 208 15.63 -2.50 -4.89
C ARG A 208 16.40 -1.36 -4.26
N SAH B . 0.84 -3.07 -3.30
CA SAH B . 1.06 -2.74 -4.70
CB SAH B . 2.01 -3.69 -5.50
CG SAH B . 3.41 -3.75 -4.91
SD SAH B . 4.45 -4.65 -6.10
C SAH B . -0.28 -2.70 -5.45
O SAH B . -1.19 -3.49 -5.16
OXT SAH B . -0.36 -1.78 -6.37
C5' SAH B . 6.11 -4.08 -5.69
C4' SAH B . 6.52 -2.98 -6.65
O4' SAH B . 7.57 -2.18 -6.07
C3' SAH B . 7.03 -3.48 -8.01
O3' SAH B . 6.35 -2.82 -9.07
C2' SAH B . 8.52 -3.14 -7.98
O2' SAH B . 9.04 -2.81 -9.27
C1' SAH B . 8.54 -1.91 -7.06
N9 SAH B . 9.81 -1.62 -6.41
C8 SAH B . 10.80 -2.50 -6.05
N7 SAH B . 11.86 -1.95 -5.52
C5 SAH B . 11.55 -0.59 -5.54
C6 SAH B . 12.30 0.55 -5.18
N6 SAH B . 13.50 0.50 -4.63
N1 SAH B . 11.71 1.76 -5.37
C2 SAH B . 10.48 1.82 -5.89
N3 SAH B . 9.69 0.81 -6.27
C4 SAH B . 10.30 -0.38 -6.08
#